data_5O0C
#
_entry.id   5O0C
#
_cell.length_a   76.027
_cell.length_b   125.115
_cell.length_c   118.658
_cell.angle_alpha   90.000
_cell.angle_beta   90.000
_cell.angle_gamma   90.000
#
_symmetry.space_group_name_H-M   'C 2 2 21'
#
loop_
_entity.id
_entity.type
_entity.pdbx_description
1 polymer 'Phosphopantetheine adenylyltransferase'
2 non-polymer '3-(3-methylindol-1-yl)propanoic acid'
3 water water
#
_entity_poly.entity_id   1
_entity_poly.type   'polypeptide(L)'
_entity_poly.pdbx_seq_one_letter_code
;SMTGAVCPGSFDPVTLGHLDVFERAAAQFDEVIVAVLINPNKAGMFTVDERIEMIRESTADLPNLRVESGQGLLVDFVRE
RGLNAIVKGLRTGTDFEYELQMAQMNKHIAGVDTFFVATAPAYSFVSSSLAKEVATYGGDVSALLPASVHQRLLGKLRGQ
AQ
;
_entity_poly.pdbx_strand_id   A,B,C
#
loop_
_chem_comp.id
_chem_comp.type
_chem_comp.name
_chem_comp.formula
9F8 non-polymer '3-(3-methylindol-1-yl)propanoic acid' 'C12 H13 N O2'
#
# COMPACT_ATOMS: atom_id res chain seq x y z
N MET A 2 19.53 -5.16 -32.85
CA MET A 2 19.94 -5.75 -31.58
C MET A 2 19.22 -5.08 -30.40
N THR A 3 17.95 -4.74 -30.59
CA THR A 3 17.16 -4.14 -29.51
C THR A 3 16.73 -5.21 -28.52
N GLY A 4 16.37 -4.81 -27.31
CA GLY A 4 16.01 -5.81 -26.30
C GLY A 4 15.47 -5.23 -25.00
N ALA A 5 14.59 -5.98 -24.34
CA ALA A 5 14.06 -5.53 -23.07
C ALA A 5 13.91 -6.67 -22.09
N VAL A 6 13.88 -6.33 -20.81
CA VAL A 6 13.67 -7.31 -19.76
C VAL A 6 12.29 -7.08 -19.15
N CYS A 7 11.53 -8.17 -19.00
CA CYS A 7 10.20 -8.13 -18.38
C CYS A 7 10.29 -8.82 -17.03
N PRO A 8 10.32 -8.04 -15.93
CA PRO A 8 10.61 -8.56 -14.60
C PRO A 8 9.39 -8.80 -13.74
N GLY A 9 9.50 -9.75 -12.83
CA GLY A 9 8.43 -9.97 -11.88
C GLY A 9 8.69 -11.22 -11.06
N SER A 10 7.83 -11.49 -10.09
CA SER A 10 7.94 -12.72 -9.35
C SER A 10 7.20 -13.86 -10.05
N PHE A 11 6.17 -13.53 -10.83
CA PHE A 11 5.41 -14.49 -11.66
C PHE A 11 5.08 -15.77 -10.88
N ASP A 12 4.34 -15.57 -9.80
CA ASP A 12 4.07 -16.65 -8.86
C ASP A 12 2.56 -16.81 -8.63
N PRO A 13 1.83 -17.27 -9.65
CA PRO A 13 2.21 -17.69 -11.00
C PRO A 13 2.04 -16.61 -12.06
N VAL A 14 2.60 -16.84 -13.24
CA VAL A 14 2.31 -16.03 -14.42
C VAL A 14 0.79 -16.04 -14.68
N THR A 15 0.29 -14.89 -15.09
CA THR A 15 -1.13 -14.72 -15.44
C THR A 15 -1.27 -14.34 -16.91
N LEU A 16 -2.50 -14.27 -17.40
CA LEU A 16 -2.70 -13.82 -18.77
C LEU A 16 -2.40 -12.33 -18.91
N GLY A 17 -2.46 -11.59 -17.80
CA GLY A 17 -2.06 -10.19 -17.83
C GLY A 17 -0.57 -10.08 -18.14
N HIS A 18 0.23 -10.93 -17.50
CA HIS A 18 1.64 -10.97 -17.81
C HIS A 18 1.91 -11.37 -19.24
N LEU A 19 1.23 -12.42 -19.70
CA LEU A 19 1.50 -12.94 -21.03
C LEU A 19 1.18 -11.92 -22.12
N ASP A 20 0.10 -11.15 -21.94
CA ASP A 20 -0.23 -10.08 -22.85
C ASP A 20 0.94 -9.12 -23.01
N VAL A 21 1.52 -8.70 -21.88
CA VAL A 21 2.65 -7.80 -21.93
C VAL A 21 3.89 -8.46 -22.56
N PHE A 22 4.16 -9.72 -22.22
CA PHE A 22 5.26 -10.46 -22.86
C PHE A 22 5.12 -10.43 -24.39
N GLU A 23 3.90 -10.67 -24.87
CA GLU A 23 3.63 -10.73 -26.30
C GLU A 23 3.88 -9.38 -26.95
N ARG A 24 3.45 -8.31 -26.29
CA ARG A 24 3.66 -6.98 -26.83
C ARG A 24 5.14 -6.61 -26.87
N ALA A 25 5.85 -6.96 -25.80
CA ALA A 25 7.30 -6.73 -25.78
C ALA A 25 7.99 -7.53 -26.87
N ALA A 26 7.60 -8.79 -27.06
CA ALA A 26 8.25 -9.65 -28.08
C ALA A 26 7.96 -9.12 -29.48
N ALA A 27 6.83 -8.45 -29.64
CA ALA A 27 6.45 -7.89 -30.94
C ALA A 27 7.20 -6.60 -31.26
N GLN A 28 7.74 -5.94 -30.24
CA GLN A 28 8.30 -4.59 -30.40
C GLN A 28 9.80 -4.49 -30.16
N PHE A 29 10.40 -5.54 -29.59
CA PHE A 29 11.85 -5.59 -29.35
C PHE A 29 12.44 -6.84 -29.99
N ASP A 30 13.71 -6.78 -30.42
CA ASP A 30 14.30 -7.93 -31.10
C ASP A 30 14.39 -9.14 -30.16
N GLU A 31 14.74 -8.89 -28.90
CA GLU A 31 14.76 -9.97 -27.92
C GLU A 31 14.13 -9.55 -26.61
N VAL A 32 13.45 -10.48 -25.97
CA VAL A 32 12.87 -10.24 -24.68
C VAL A 32 13.33 -11.30 -23.69
N ILE A 33 13.75 -10.87 -22.51
CA ILE A 33 14.09 -11.80 -21.44
C ILE A 33 13.10 -11.58 -20.32
N VAL A 34 12.36 -12.63 -19.97
CA VAL A 34 11.48 -12.58 -18.81
C VAL A 34 12.34 -12.90 -17.59
N ALA A 35 12.42 -11.97 -16.65
CA ALA A 35 13.26 -12.15 -15.47
C ALA A 35 12.41 -12.56 -14.29
N VAL A 36 12.57 -13.80 -13.86
CA VAL A 36 11.86 -14.31 -12.70
C VAL A 36 12.70 -13.98 -11.46
N LEU A 37 12.31 -12.91 -10.76
CA LEU A 37 13.13 -12.43 -9.66
C LEU A 37 12.70 -13.06 -8.35
N ILE A 38 13.68 -13.57 -7.64
CA ILE A 38 13.46 -14.44 -6.48
C ILE A 38 13.99 -13.78 -5.23
N ASN A 39 13.17 -13.71 -4.19
CA ASN A 39 13.69 -13.33 -2.88
C ASN A 39 14.13 -14.61 -2.17
N PRO A 40 15.44 -14.76 -1.95
CA PRO A 40 15.96 -16.00 -1.35
C PRO A 40 15.53 -16.16 0.10
N ASN A 41 14.86 -15.14 0.65
CA ASN A 41 14.41 -15.16 2.04
C ASN A 41 12.92 -15.41 2.20
N LYS A 42 12.17 -15.45 1.11
CA LYS A 42 10.76 -15.80 1.19
C LYS A 42 10.33 -16.65 -0.01
N ALA A 43 9.93 -17.89 0.29
CA ALA A 43 9.42 -18.77 -0.73
C ALA A 43 8.04 -18.28 -1.16
N GLY A 44 7.71 -18.52 -2.42
CA GLY A 44 6.36 -18.21 -2.87
C GLY A 44 5.57 -19.48 -2.87
N MET A 45 4.52 -19.52 -3.67
CA MET A 45 3.75 -20.73 -3.82
C MET A 45 4.48 -21.72 -4.73
N PHE A 46 5.10 -21.21 -5.79
CA PHE A 46 5.77 -22.05 -6.77
C PHE A 46 7.29 -21.91 -6.69
N THR A 47 8.00 -23.01 -6.85
CA THR A 47 9.46 -22.96 -6.92
C THR A 47 9.90 -22.23 -8.17
N VAL A 48 11.18 -21.85 -8.24
CA VAL A 48 11.73 -21.19 -9.42
CA VAL A 48 11.64 -21.15 -9.42
C VAL A 48 11.50 -22.00 -10.69
N ASP A 49 11.79 -23.31 -10.62
CA ASP A 49 11.67 -24.14 -11.80
C ASP A 49 10.21 -24.28 -12.25
N GLU A 50 9.28 -24.32 -11.30
CA GLU A 50 7.86 -24.35 -11.66
C GLU A 50 7.43 -23.07 -12.35
N ARG A 51 7.87 -21.93 -11.82
CA ARG A 51 7.53 -20.64 -12.42
C ARG A 51 8.02 -20.54 -13.84
N ILE A 52 9.27 -20.94 -14.06
CA ILE A 52 9.87 -20.85 -15.38
C ILE A 52 9.17 -21.77 -16.37
N GLU A 53 8.83 -22.97 -15.91
CA GLU A 53 8.17 -23.95 -16.76
C GLU A 53 6.78 -23.46 -17.18
N MET A 54 6.06 -22.86 -16.25
CA MET A 54 4.74 -22.33 -16.59
C MET A 54 4.84 -21.18 -17.61
N ILE A 55 5.87 -20.35 -17.49
CA ILE A 55 6.04 -19.28 -18.46
C ILE A 55 6.45 -19.84 -19.82
N ARG A 56 7.41 -20.75 -19.84
CA ARG A 56 7.88 -21.34 -21.10
C ARG A 56 6.75 -22.01 -21.87
N GLU A 57 5.88 -22.71 -21.15
CA GLU A 57 4.82 -23.46 -21.79
C GLU A 57 3.79 -22.53 -22.44
N SER A 58 3.65 -21.33 -21.91
CA SER A 58 2.66 -20.41 -22.47
C SER A 58 3.28 -19.34 -23.38
N THR A 59 4.58 -19.44 -23.62
CA THR A 59 5.26 -18.52 -24.54
C THR A 59 6.00 -19.25 -25.66
N ALA A 60 5.63 -20.50 -25.92
CA ALA A 60 6.34 -21.30 -26.91
C ALA A 60 6.21 -20.74 -28.33
N ASP A 61 5.18 -19.91 -28.55
CA ASP A 61 4.95 -19.29 -29.85
C ASP A 61 5.74 -17.99 -30.03
N LEU A 62 6.56 -17.64 -29.06
CA LEU A 62 7.37 -16.42 -29.13
C LEU A 62 8.85 -16.76 -29.23
N PRO A 63 9.38 -16.84 -30.47
CA PRO A 63 10.74 -17.36 -30.68
C PRO A 63 11.84 -16.45 -30.13
N ASN A 64 11.55 -15.17 -29.92
CA ASN A 64 12.58 -14.25 -29.45
C ASN A 64 12.46 -13.93 -27.97
N LEU A 65 11.72 -14.76 -27.25
CA LEU A 65 11.59 -14.60 -25.81
C LEU A 65 12.28 -15.74 -25.08
N ARG A 66 13.06 -15.42 -24.06
CA ARG A 66 13.61 -16.44 -23.19
C ARG A 66 13.35 -16.10 -21.74
N VAL A 67 13.46 -17.10 -20.88
CA VAL A 67 13.12 -16.94 -19.47
C VAL A 67 14.28 -17.30 -18.57
N GLU A 68 14.62 -16.41 -17.64
CA GLU A 68 15.74 -16.66 -16.72
C GLU A 68 15.40 -16.14 -15.35
N SER A 69 15.88 -16.81 -14.30
CA SER A 69 15.69 -16.30 -12.96
C SER A 69 16.87 -15.45 -12.50
N GLY A 70 16.65 -14.70 -11.42
CA GLY A 70 17.68 -13.84 -10.86
C GLY A 70 17.27 -13.35 -9.48
N GLN A 71 18.17 -12.61 -8.85
CA GLN A 71 17.92 -11.99 -7.55
C GLN A 71 18.82 -10.75 -7.45
N GLY A 72 18.63 -9.96 -6.40
CA GLY A 72 19.39 -8.74 -6.25
C GLY A 72 18.84 -7.63 -7.13
N LEU A 73 19.71 -6.71 -7.55
CA LEU A 73 19.28 -5.54 -8.32
C LEU A 73 18.85 -5.89 -9.74
N LEU A 74 17.63 -5.51 -10.09
CA LEU A 74 17.13 -5.69 -11.45
C LEU A 74 18.07 -5.07 -12.47
N VAL A 75 18.56 -3.85 -12.20
CA VAL A 75 19.39 -3.21 -13.21
C VAL A 75 20.69 -3.98 -13.49
N ASP A 76 21.20 -4.74 -12.51
CA ASP A 76 22.37 -5.59 -12.78
C ASP A 76 22.01 -6.75 -13.72
N PHE A 77 20.84 -7.34 -13.51
CA PHE A 77 20.36 -8.41 -14.37
C PHE A 77 20.25 -7.90 -15.81
N VAL A 78 19.72 -6.70 -15.96
CA VAL A 78 19.55 -6.10 -17.28
C VAL A 78 20.91 -5.80 -17.93
N ARG A 79 21.78 -5.10 -17.20
CA ARG A 79 23.05 -4.63 -17.78
C ARG A 79 23.99 -5.79 -18.06
N GLU A 80 23.95 -6.83 -17.23
CA GLU A 80 24.87 -7.96 -17.46
C GLU A 80 24.49 -8.75 -18.73
N ARG A 81 23.32 -8.48 -19.28
CA ARG A 81 22.88 -9.09 -20.53
C ARG A 81 23.05 -8.13 -21.71
N GLY A 82 23.67 -6.99 -21.44
CA GLY A 82 24.00 -6.02 -22.49
C GLY A 82 22.80 -5.21 -22.91
N LEU A 83 21.78 -5.18 -22.05
CA LEU A 83 20.56 -4.44 -22.35
C LEU A 83 20.44 -3.22 -21.46
N ASN A 84 19.49 -2.36 -21.76
CA ASN A 84 19.24 -1.24 -20.84
CA ASN A 84 19.28 -1.13 -21.03
C ASN A 84 17.80 -0.76 -20.89
N ALA A 85 16.91 -1.72 -21.10
CA ALA A 85 15.46 -1.43 -21.04
C ALA A 85 14.70 -2.48 -20.26
N ILE A 86 13.74 -1.99 -19.48
CA ILE A 86 12.76 -2.77 -18.73
C ILE A 86 11.40 -2.50 -19.34
N VAL A 87 10.58 -3.54 -19.54
CA VAL A 87 9.19 -3.34 -19.93
C VAL A 87 8.32 -3.90 -18.82
N LYS A 88 7.49 -3.05 -18.23
CA LYS A 88 6.68 -3.42 -17.08
C LYS A 88 5.21 -3.18 -17.40
N GLY A 89 4.37 -4.13 -17.03
CA GLY A 89 2.93 -4.00 -17.25
C GLY A 89 2.20 -3.19 -16.19
N LEU A 90 1.10 -2.58 -16.60
CA LEU A 90 0.21 -1.89 -15.67
C LEU A 90 -1.13 -2.59 -15.64
N ARG A 91 -1.71 -2.74 -14.46
CA ARG A 91 -3.05 -3.32 -14.36
C ARG A 91 -3.82 -2.56 -13.31
N THR A 92 -5.08 -2.90 -13.12
CA THR A 92 -5.86 -2.29 -12.04
C THR A 92 -5.31 -2.76 -10.69
N GLY A 93 -4.92 -1.81 -9.87
CA GLY A 93 -4.31 -2.11 -8.58
C GLY A 93 -2.80 -2.03 -8.59
N THR A 94 -2.21 -1.73 -9.73
CA THR A 94 -0.77 -1.48 -9.77
C THR A 94 -0.46 -0.27 -8.90
N ASP A 95 0.58 -0.35 -8.09
CA ASP A 95 1.03 0.82 -7.35
C ASP A 95 1.90 1.63 -8.30
N PHE A 96 1.28 2.51 -9.08
CA PHE A 96 2.07 3.16 -10.14
C PHE A 96 3.09 4.14 -9.57
N GLU A 97 2.74 4.80 -8.47
CA GLU A 97 3.68 5.74 -7.85
C GLU A 97 4.96 5.02 -7.42
N TYR A 98 4.83 3.82 -6.89
CA TYR A 98 6.00 3.06 -6.50
C TYR A 98 6.79 2.60 -7.73
N GLU A 99 6.07 2.18 -8.76
CA GLU A 99 6.74 1.83 -10.02
C GLU A 99 7.51 3.03 -10.57
N LEU A 100 6.94 4.23 -10.48
CA LEU A 100 7.61 5.43 -10.97
CA LEU A 100 7.62 5.42 -10.97
C LEU A 100 8.87 5.71 -10.14
N GLN A 101 8.74 5.57 -8.83
CA GLN A 101 9.88 5.77 -7.95
C GLN A 101 11.02 4.82 -8.32
N MET A 102 10.69 3.54 -8.52
CA MET A 102 11.71 2.56 -8.87
C MET A 102 12.30 2.85 -10.25
N ALA A 103 11.46 3.31 -11.18
CA ALA A 103 11.98 3.61 -12.52
C ALA A 103 12.99 4.76 -12.47
N GLN A 104 12.69 5.80 -11.68
CA GLN A 104 13.59 6.93 -11.60
C GLN A 104 14.87 6.52 -10.89
N MET A 105 14.75 5.68 -9.86
CA MET A 105 15.93 5.17 -9.16
C MET A 105 16.78 4.33 -10.10
N ASN A 106 16.14 3.43 -10.85
CA ASN A 106 16.87 2.53 -11.75
C ASN A 106 17.59 3.30 -12.85
N LYS A 107 16.99 4.37 -13.35
CA LYS A 107 17.64 5.24 -14.33
C LYS A 107 18.85 5.95 -13.69
N HIS A 108 18.66 6.42 -12.45
CA HIS A 108 19.72 7.13 -11.75
C HIS A 108 20.95 6.28 -11.50
N ILE A 109 20.74 5.06 -11.03
CA ILE A 109 21.90 4.25 -10.62
C ILE A 109 22.55 3.47 -11.75
N ALA A 110 21.84 3.26 -12.86
CA ALA A 110 22.36 2.36 -13.90
C ALA A 110 22.08 2.79 -15.34
N GLY A 111 21.34 3.88 -15.52
CA GLY A 111 21.04 4.38 -16.85
C GLY A 111 20.02 3.56 -17.62
N VAL A 112 19.31 2.68 -16.92
CA VAL A 112 18.34 1.79 -17.52
C VAL A 112 16.98 2.48 -17.62
N ASP A 113 16.35 2.36 -18.78
CA ASP A 113 15.04 2.98 -19.03
C ASP A 113 13.91 2.01 -18.72
N THR A 114 12.78 2.52 -18.25
CA THR A 114 11.61 1.67 -18.00
C THR A 114 10.44 2.12 -18.86
N PHE A 115 9.89 1.18 -19.64
CA PHE A 115 8.71 1.43 -20.46
C PHE A 115 7.52 0.71 -19.87
N PHE A 116 6.45 1.46 -19.62
CA PHE A 116 5.24 0.87 -19.07
C PHE A 116 4.20 0.64 -20.15
N VAL A 117 3.51 -0.50 -20.08
CA VAL A 117 2.42 -0.75 -21.03
C VAL A 117 1.22 -1.31 -20.28
N ALA A 118 0.05 -0.77 -20.55
CA ALA A 118 -1.15 -1.25 -19.90
C ALA A 118 -1.60 -2.59 -20.48
N THR A 119 -1.91 -3.54 -19.61
CA THR A 119 -2.43 -4.82 -20.08
C THR A 119 -3.83 -4.64 -20.63
N ALA A 120 -4.25 -5.59 -21.47
CA ALA A 120 -5.57 -5.56 -22.08
C ALA A 120 -6.65 -5.51 -21.03
N PRO A 121 -7.76 -4.82 -21.33
CA PRO A 121 -8.84 -4.70 -20.34
C PRO A 121 -9.29 -6.05 -19.77
N ALA A 122 -9.39 -7.07 -20.62
CA ALA A 122 -9.85 -8.38 -20.19
C ALA A 122 -8.96 -8.96 -19.09
N TYR A 123 -7.69 -8.56 -19.09
CA TYR A 123 -6.73 -9.11 -18.14
C TYR A 123 -6.28 -8.09 -17.11
N SER A 124 -7.02 -6.99 -17.02
CA SER A 124 -6.57 -5.85 -16.22
C SER A 124 -6.85 -5.98 -14.72
N PHE A 125 -7.69 -6.92 -14.31
CA PHE A 125 -7.99 -7.05 -12.87
C PHE A 125 -7.41 -8.31 -12.25
N VAL A 126 -6.71 -9.12 -13.04
CA VAL A 126 -6.03 -10.27 -12.46
C VAL A 126 -4.67 -9.84 -11.93
N SER A 127 -4.27 -10.46 -10.83
CA SER A 127 -2.90 -10.33 -10.33
C SER A 127 -2.56 -11.69 -9.77
N SER A 128 -1.27 -12.00 -9.66
CA SER A 128 -0.87 -13.29 -9.09
C SER A 128 -1.47 -13.45 -7.71
N SER A 129 -1.36 -12.41 -6.88
CA SER A 129 -1.84 -12.50 -5.51
CA SER A 129 -1.85 -12.49 -5.51
C SER A 129 -3.36 -12.65 -5.44
N LEU A 130 -4.10 -11.85 -6.20
CA LEU A 130 -5.55 -11.96 -6.13
C LEU A 130 -6.05 -13.28 -6.74
N ALA A 131 -5.37 -13.79 -7.76
CA ALA A 131 -5.76 -15.07 -8.34
C ALA A 131 -5.55 -16.19 -7.34
N LYS A 132 -4.42 -16.17 -6.64
CA LYS A 132 -4.17 -17.16 -5.61
C LYS A 132 -5.22 -17.09 -4.50
N GLU A 133 -5.53 -15.87 -4.06
CA GLU A 133 -6.52 -15.68 -3.01
C GLU A 133 -7.90 -16.18 -3.42
N VAL A 134 -8.35 -15.79 -4.61
CA VAL A 134 -9.66 -16.24 -5.07
C VAL A 134 -9.71 -17.77 -5.22
N ALA A 135 -8.66 -18.35 -5.79
CA ALA A 135 -8.63 -19.80 -6.01
C ALA A 135 -8.59 -20.54 -4.67
N THR A 136 -7.94 -19.95 -3.67
CA THR A 136 -7.83 -20.55 -2.34
C THR A 136 -9.22 -20.80 -1.78
N TYR A 137 -10.14 -19.88 -2.04
CA TYR A 137 -11.48 -20.00 -1.51
C TYR A 137 -12.48 -20.49 -2.55
N GLY A 138 -11.95 -21.10 -3.62
CA GLY A 138 -12.78 -21.82 -4.57
C GLY A 138 -13.30 -21.08 -5.77
N GLY A 139 -12.96 -19.81 -5.91
CA GLY A 139 -13.44 -19.02 -7.04
C GLY A 139 -12.80 -19.44 -8.36
N ASP A 140 -13.54 -19.25 -9.44
CA ASP A 140 -13.11 -19.69 -10.77
C ASP A 140 -12.24 -18.64 -11.46
N VAL A 141 -10.93 -18.87 -11.49
CA VAL A 141 -10.02 -17.94 -12.16
C VAL A 141 -9.43 -18.55 -13.44
N SER A 142 -10.04 -19.63 -13.92
CA SER A 142 -9.53 -20.37 -15.09
C SER A 142 -9.41 -19.50 -16.34
N ALA A 143 -10.27 -18.50 -16.49
CA ALA A 143 -10.21 -17.63 -17.65
C ALA A 143 -9.12 -16.54 -17.58
N LEU A 144 -8.43 -16.45 -16.44
CA LEU A 144 -7.47 -15.36 -16.23
C LEU A 144 -6.03 -15.86 -16.20
N LEU A 145 -5.87 -17.18 -16.35
CA LEU A 145 -4.56 -17.83 -16.28
C LEU A 145 -4.36 -18.72 -17.49
N PRO A 146 -3.11 -18.85 -17.96
CA PRO A 146 -2.83 -19.80 -19.03
C PRO A 146 -3.02 -21.25 -18.56
N ALA A 147 -3.30 -22.15 -19.50
CA ALA A 147 -3.52 -23.56 -19.17
C ALA A 147 -2.33 -24.16 -18.42
N SER A 148 -1.13 -23.62 -18.66
CA SER A 148 0.07 -24.14 -18.00
C SER A 148 0.04 -23.91 -16.49
N VAL A 149 -0.91 -23.12 -16.02
CA VAL A 149 -0.93 -22.67 -14.62
C VAL A 149 -2.10 -23.23 -13.81
N HIS A 150 -3.29 -23.22 -14.41
CA HIS A 150 -4.53 -23.31 -13.64
C HIS A 150 -4.59 -24.56 -12.77
N GLN A 151 -4.35 -25.72 -13.36
CA GLN A 151 -4.50 -26.94 -12.61
C GLN A 151 -3.30 -27.19 -11.70
N ARG A 152 -2.13 -26.68 -12.06
CA ARG A 152 -1.00 -26.70 -11.14
C ARG A 152 -1.31 -25.87 -9.90
N LEU A 153 -1.97 -24.74 -10.11
CA LEU A 153 -2.43 -23.92 -8.99
C LEU A 153 -3.38 -24.70 -8.09
N LEU A 154 -4.38 -25.33 -8.70
CA LEU A 154 -5.36 -26.09 -7.91
C LEU A 154 -4.66 -27.21 -7.14
N GLY A 155 -3.67 -27.82 -7.78
CA GLY A 155 -2.86 -28.85 -7.14
C GLY A 155 -2.13 -28.37 -5.90
N LYS A 156 -1.47 -27.20 -6.00
CA LYS A 156 -0.80 -26.61 -4.84
C LYS A 156 -1.80 -26.37 -3.71
N LEU A 157 -3.00 -25.94 -4.06
CA LEU A 157 -3.99 -25.56 -3.05
C LEU A 157 -4.60 -26.78 -2.36
N ARG A 158 -4.58 -27.92 -3.04
CA ARG A 158 -5.11 -29.15 -2.45
C ARG A 158 -3.99 -30.08 -1.99
N MET B 2 -37.84 -7.68 -5.09
CA MET B 2 -37.09 -7.66 -3.84
C MET B 2 -35.59 -7.40 -4.08
N THR B 3 -35.14 -6.21 -3.70
CA THR B 3 -33.75 -5.81 -3.92
C THR B 3 -32.90 -6.06 -2.68
N GLY B 4 -31.58 -6.04 -2.83
CA GLY B 4 -30.75 -6.28 -1.66
C GLY B 4 -29.27 -6.13 -1.92
N ALA B 5 -28.52 -5.81 -0.87
CA ALA B 5 -27.07 -5.72 -0.99
C ALA B 5 -26.36 -6.18 0.28
N VAL B 6 -25.10 -6.56 0.12
CA VAL B 6 -24.26 -6.91 1.25
C VAL B 6 -23.23 -5.81 1.49
N CYS B 7 -23.05 -5.42 2.75
CA CYS B 7 -22.01 -4.47 3.15
C CYS B 7 -20.93 -5.19 3.95
N PRO B 8 -19.79 -5.51 3.31
CA PRO B 8 -18.76 -6.35 3.92
C PRO B 8 -17.62 -5.54 4.56
N GLY B 9 -17.05 -6.08 5.63
CA GLY B 9 -15.88 -5.46 6.22
C GLY B 9 -15.46 -6.21 7.45
N SER B 10 -14.39 -5.75 8.10
CA SER B 10 -14.00 -6.37 9.36
C SER B 10 -14.66 -5.65 10.55
N PHE B 11 -14.93 -4.35 10.39
CA PHE B 11 -15.65 -3.56 11.40
C PHE B 11 -15.13 -3.78 12.83
N ASP B 12 -13.84 -3.47 13.02
CA ASP B 12 -13.14 -3.77 14.27
C ASP B 12 -12.53 -2.53 14.92
N PRO B 13 -13.36 -1.63 15.46
CA PRO B 13 -14.83 -1.65 15.57
C PRO B 13 -15.54 -0.89 14.46
N VAL B 14 -16.86 -1.02 14.41
CA VAL B 14 -17.67 -0.22 13.50
C VAL B 14 -17.50 1.27 13.84
N THR B 15 -17.47 2.10 12.80
CA THR B 15 -17.31 3.53 12.97
C THR B 15 -18.54 4.25 12.44
N LEU B 16 -18.61 5.55 12.67
CA LEU B 16 -19.71 6.35 12.14
C LEU B 16 -19.60 6.44 10.61
N GLY B 17 -18.39 6.24 10.09
CA GLY B 17 -18.22 6.16 8.64
C GLY B 17 -18.95 4.95 8.08
N HIS B 18 -18.76 3.80 8.73
CA HIS B 18 -19.50 2.60 8.37
C HIS B 18 -20.99 2.81 8.51
N LEU B 19 -21.40 3.36 9.65
CA LEU B 19 -22.83 3.50 9.94
C LEU B 19 -23.52 4.36 8.88
N ASP B 20 -22.86 5.46 8.50
CA ASP B 20 -23.42 6.33 7.46
C ASP B 20 -23.72 5.54 6.18
N VAL B 21 -22.76 4.71 5.75
CA VAL B 21 -22.98 3.91 4.56
C VAL B 21 -24.07 2.83 4.78
N PHE B 22 -24.07 2.19 5.94
CA PHE B 22 -25.14 1.24 6.27
C PHE B 22 -26.52 1.87 6.10
N GLU B 23 -26.66 3.08 6.62
CA GLU B 23 -27.92 3.83 6.59
C GLU B 23 -28.33 4.13 5.17
N ARG B 24 -27.37 4.50 4.34
CA ARG B 24 -27.71 4.84 2.98
C ARG B 24 -28.10 3.59 2.20
N ALA B 25 -27.40 2.47 2.43
CA ALA B 25 -27.77 1.21 1.83
C ALA B 25 -29.17 0.80 2.26
N ALA B 26 -29.47 0.93 3.55
CA ALA B 26 -30.77 0.45 4.05
C ALA B 26 -31.89 1.32 3.51
N ALA B 27 -31.58 2.57 3.21
CA ALA B 27 -32.57 3.47 2.61
C ALA B 27 -32.85 3.16 1.15
N GLN B 28 -31.93 2.49 0.46
CA GLN B 28 -32.03 2.33 -1.00
C GLN B 28 -32.28 0.89 -1.47
N PHE B 29 -32.10 -0.08 -0.58
CA PHE B 29 -32.31 -1.50 -0.91
C PHE B 29 -33.34 -2.14 0.03
N ASP B 30 -34.10 -3.12 -0.44
CA ASP B 30 -35.14 -3.70 0.40
C ASP B 30 -34.55 -4.45 1.60
N GLU B 31 -33.39 -5.07 1.36
CA GLU B 31 -32.71 -5.84 2.38
C GLU B 31 -31.21 -5.51 2.36
N VAL B 32 -30.62 -5.33 3.54
CA VAL B 32 -29.17 -5.19 3.62
C VAL B 32 -28.61 -6.17 4.64
N ILE B 33 -27.50 -6.82 4.25
CA ILE B 33 -26.81 -7.69 5.19
C ILE B 33 -25.41 -7.15 5.41
N VAL B 34 -25.09 -6.86 6.66
CA VAL B 34 -23.72 -6.47 7.00
C VAL B 34 -22.95 -7.75 7.26
N ALA B 35 -21.88 -7.95 6.50
CA ALA B 35 -21.09 -9.16 6.61
C ALA B 35 -19.81 -8.87 7.37
N VAL B 36 -19.70 -9.43 8.56
CA VAL B 36 -18.53 -9.22 9.40
C VAL B 36 -17.53 -10.31 9.06
N LEU B 37 -16.47 -9.92 8.37
CA LEU B 37 -15.54 -10.88 7.79
C LEU B 37 -14.39 -11.16 8.72
N ILE B 38 -14.06 -12.44 8.88
CA ILE B 38 -13.07 -12.86 9.86
C ILE B 38 -11.85 -13.49 9.18
N ASN B 39 -10.67 -13.14 9.70
CA ASN B 39 -9.41 -13.62 9.13
C ASN B 39 -8.59 -14.39 10.17
N PRO B 40 -7.69 -15.27 9.70
CA PRO B 40 -6.78 -15.97 10.62
C PRO B 40 -5.63 -15.07 11.08
N ALA B 43 -7.92 -12.10 15.00
CA ALA B 43 -6.67 -11.42 14.66
C ALA B 43 -6.73 -9.93 15.02
N GLY B 44 -7.87 -9.49 15.55
CA GLY B 44 -8.08 -8.08 15.83
C GLY B 44 -8.37 -7.78 17.29
N MET B 45 -8.94 -6.62 17.54
CA MET B 45 -9.23 -6.17 18.91
C MET B 45 -10.50 -6.81 19.46
N PHE B 46 -11.55 -6.82 18.66
CA PHE B 46 -12.84 -7.34 19.12
C PHE B 46 -13.14 -8.70 18.50
N THR B 47 -13.80 -9.56 19.25
CA THR B 47 -14.22 -10.84 18.72
C THR B 47 -15.34 -10.60 17.71
N VAL B 48 -15.62 -11.61 16.87
CA VAL B 48 -16.67 -11.51 15.87
C VAL B 48 -18.00 -11.20 16.52
N ASP B 49 -18.28 -11.87 17.63
CA ASP B 49 -19.54 -11.65 18.33
C ASP B 49 -19.62 -10.23 18.89
N GLU B 50 -18.50 -9.73 19.41
CA GLU B 50 -18.49 -8.37 19.93
C GLU B 50 -18.76 -7.37 18.81
N ARG B 51 -18.14 -7.59 17.66
CA ARG B 51 -18.34 -6.70 16.51
C ARG B 51 -19.78 -6.69 16.03
N ILE B 52 -20.38 -7.88 15.93
CA ILE B 52 -21.78 -8.02 15.53
C ILE B 52 -22.67 -7.28 16.50
N GLU B 53 -22.37 -7.43 17.79
CA GLU B 53 -23.14 -6.80 18.85
C GLU B 53 -23.09 -5.27 18.73
N MET B 54 -21.90 -4.74 18.47
CA MET B 54 -21.74 -3.30 18.31
C MET B 54 -22.46 -2.75 17.07
N ILE B 55 -22.45 -3.51 15.98
CA ILE B 55 -23.16 -3.11 14.77
C ILE B 55 -24.67 -3.12 15.01
N ARG B 56 -25.17 -4.17 15.66
CA ARG B 56 -26.61 -4.24 15.96
C ARG B 56 -27.07 -3.09 16.86
N GLU B 57 -26.28 -2.75 17.87
CA GLU B 57 -26.60 -1.59 18.72
C GLU B 57 -26.71 -0.31 17.88
N SER B 58 -25.79 -0.15 16.93
CA SER B 58 -25.69 1.09 16.16
C SER B 58 -26.73 1.18 15.05
N THR B 59 -27.29 0.04 14.68
CA THR B 59 -28.25 -0.02 13.57
C THR B 59 -29.65 -0.43 14.02
N ALA B 60 -29.96 -0.17 15.29
CA ALA B 60 -31.24 -0.55 15.86
C ALA B 60 -32.42 0.02 15.12
N ASP B 61 -32.25 1.17 14.47
CA ASP B 61 -33.34 1.85 13.77
C ASP B 61 -33.49 1.39 12.32
N LEU B 62 -32.73 0.37 11.92
CA LEU B 62 -32.74 -0.09 10.54
C LEU B 62 -33.35 -1.49 10.45
N PRO B 63 -34.67 -1.57 10.28
CA PRO B 63 -35.30 -2.89 10.39
C PRO B 63 -35.03 -3.83 9.23
N ASN B 64 -34.59 -3.29 8.09
CA ASN B 64 -34.31 -4.12 6.93
C ASN B 64 -32.82 -4.46 6.80
N LEU B 65 -32.06 -4.13 7.84
CA LEU B 65 -30.64 -4.47 7.87
C LEU B 65 -30.38 -5.53 8.92
N ARG B 66 -29.64 -6.57 8.57
CA ARG B 66 -29.24 -7.56 9.57
C ARG B 66 -27.75 -7.79 9.50
N VAL B 67 -27.20 -8.34 10.58
CA VAL B 67 -25.75 -8.50 10.72
C VAL B 67 -25.41 -9.97 10.84
N GLU B 68 -24.46 -10.45 10.04
CA GLU B 68 -24.02 -11.84 10.11
C GLU B 68 -22.51 -11.95 9.96
N SER B 69 -21.92 -13.00 10.52
CA SER B 69 -20.51 -13.27 10.28
C SER B 69 -20.33 -14.02 8.97
N GLY B 70 -19.16 -13.86 8.35
CA GLY B 70 -18.87 -14.56 7.12
C GLY B 70 -17.43 -15.00 7.06
N GLN B 71 -17.18 -16.08 6.31
CA GLN B 71 -15.84 -16.58 6.07
C GLN B 71 -15.73 -16.97 4.60
N GLY B 72 -14.50 -16.95 4.09
CA GLY B 72 -14.26 -17.39 2.73
C GLY B 72 -14.66 -16.37 1.68
N LEU B 73 -15.08 -16.87 0.53
CA LEU B 73 -15.27 -16.04 -0.66
C LEU B 73 -16.46 -15.10 -0.50
N LEU B 74 -16.22 -13.79 -0.57
CA LEU B 74 -17.31 -12.84 -0.37
C LEU B 74 -18.46 -13.08 -1.35
N VAL B 75 -18.15 -13.35 -2.62
CA VAL B 75 -19.24 -13.50 -3.58
C VAL B 75 -20.08 -14.74 -3.27
N ASP B 76 -19.49 -15.73 -2.61
CA ASP B 76 -20.29 -16.89 -2.20
C ASP B 76 -21.24 -16.47 -1.09
N PHE B 77 -20.75 -15.68 -0.15
CA PHE B 77 -21.60 -15.15 0.92
C PHE B 77 -22.80 -14.43 0.31
N VAL B 78 -22.54 -13.60 -0.69
CA VAL B 78 -23.59 -12.81 -1.34
C VAL B 78 -24.62 -13.69 -2.05
N ARG B 79 -24.15 -14.60 -2.90
CA ARG B 79 -25.03 -15.38 -3.76
C ARG B 79 -25.82 -16.43 -2.97
N GLU B 80 -25.23 -16.92 -1.89
CA GLU B 80 -25.91 -17.90 -1.05
C GLU B 80 -27.12 -17.29 -0.35
N ARG B 81 -27.14 -15.97 -0.20
CA ARG B 81 -28.29 -15.31 0.39
C ARG B 81 -29.23 -14.76 -0.67
N GLY B 82 -29.06 -15.20 -1.92
CA GLY B 82 -29.96 -14.83 -2.99
C GLY B 82 -29.78 -13.42 -3.51
N LEU B 83 -28.65 -12.79 -3.17
CA LEU B 83 -28.36 -11.43 -3.63
C LEU B 83 -27.22 -11.45 -4.63
N ASN B 84 -27.00 -10.31 -5.29
CA ASN B 84 -25.82 -10.19 -6.16
C ASN B 84 -25.35 -8.74 -6.30
N ALA B 85 -25.40 -8.03 -5.18
CA ALA B 85 -24.87 -6.68 -5.07
C ALA B 85 -24.10 -6.52 -3.77
N ILE B 86 -23.00 -5.80 -3.86
CA ILE B 86 -22.16 -5.39 -2.74
C ILE B 86 -22.22 -3.87 -2.65
N VAL B 87 -22.38 -3.30 -1.46
CA VAL B 87 -22.23 -1.86 -1.27
C VAL B 87 -21.04 -1.62 -0.37
N LYS B 88 -20.05 -0.88 -0.89
CA LYS B 88 -18.80 -0.58 -0.18
C LYS B 88 -18.64 0.93 0.01
N GLY B 89 -18.22 1.36 1.19
CA GLY B 89 -18.00 2.78 1.42
C GLY B 89 -16.61 3.23 0.98
N LEU B 90 -16.51 4.53 0.71
CA LEU B 90 -15.24 5.17 0.38
C LEU B 90 -14.92 6.24 1.42
N ARG B 91 -13.67 6.27 1.87
CA ARG B 91 -13.23 7.27 2.83
C ARG B 91 -11.85 7.75 2.43
N THR B 92 -11.35 8.78 3.09
CA THR B 92 -9.98 9.24 2.86
C THR B 92 -9.02 8.14 3.29
N GLY B 93 -8.18 7.68 2.38
CA GLY B 93 -7.28 6.59 2.69
C GLY B 93 -7.74 5.25 2.16
N THR B 94 -8.94 5.20 1.58
CA THR B 94 -9.36 3.96 0.92
C THR B 94 -8.42 3.68 -0.25
N ASP B 95 -8.00 2.43 -0.38
CA ASP B 95 -7.23 2.03 -1.56
C ASP B 95 -8.21 1.77 -2.68
N PHE B 96 -8.60 2.83 -3.39
CA PHE B 96 -9.68 2.70 -4.36
C PHE B 96 -9.28 1.84 -5.55
N GLU B 97 -8.02 1.91 -5.94
CA GLU B 97 -7.57 1.10 -7.06
C GLU B 97 -7.72 -0.38 -6.74
N TYR B 98 -7.44 -0.76 -5.49
CA TYR B 98 -7.60 -2.16 -5.09
C TYR B 98 -9.08 -2.53 -5.02
N GLU B 99 -9.91 -1.61 -4.51
CA GLU B 99 -11.35 -1.84 -4.51
C GLU B 99 -11.87 -2.07 -5.93
N LEU B 100 -11.37 -1.29 -6.89
CA LEU B 100 -11.81 -1.46 -8.27
C LEU B 100 -11.38 -2.83 -8.80
N GLN B 101 -10.15 -3.22 -8.48
CA GLN B 101 -9.66 -4.53 -8.90
C GLN B 101 -10.57 -5.64 -8.38
N MET B 102 -10.87 -5.59 -7.08
CA MET B 102 -11.75 -6.59 -6.48
C MET B 102 -13.15 -6.54 -7.07
N ALA B 103 -13.67 -5.35 -7.35
CA ALA B 103 -15.02 -5.27 -7.92
C ALA B 103 -15.08 -5.95 -9.28
N GLN B 104 -14.07 -5.71 -10.11
CA GLN B 104 -14.04 -6.29 -11.44
C GLN B 104 -13.83 -7.81 -11.34
N MET B 105 -12.99 -8.24 -10.42
CA MET B 105 -12.82 -9.67 -10.17
C MET B 105 -14.13 -10.31 -9.69
N ASN B 106 -14.80 -9.67 -8.75
CA ASN B 106 -16.04 -10.22 -8.20
C ASN B 106 -17.16 -10.30 -9.24
N LYS B 107 -17.23 -9.32 -10.14
CA LYS B 107 -18.17 -9.38 -11.24
C LYS B 107 -17.83 -10.54 -12.19
N HIS B 108 -16.54 -10.71 -12.48
CA HIS B 108 -16.11 -11.76 -13.40
C HIS B 108 -16.39 -13.16 -12.87
N ILE B 109 -16.08 -13.40 -11.61
CA ILE B 109 -16.18 -14.76 -11.11
C ILE B 109 -17.58 -15.13 -10.66
N ALA B 110 -18.45 -14.16 -10.41
CA ALA B 110 -19.76 -14.51 -9.86
C ALA B 110 -20.93 -13.64 -10.33
N GLY B 111 -20.65 -12.63 -11.13
CA GLY B 111 -21.71 -11.77 -11.66
C GLY B 111 -22.24 -10.75 -10.66
N VAL B 112 -21.52 -10.59 -9.56
CA VAL B 112 -21.93 -9.71 -8.48
C VAL B 112 -21.49 -8.27 -8.76
N ASP B 113 -22.41 -7.32 -8.62
CA ASP B 113 -22.12 -5.89 -8.82
C ASP B 113 -21.65 -5.25 -7.54
N THR B 114 -20.77 -4.24 -7.67
CA THR B 114 -20.33 -3.49 -6.50
C THR B 114 -20.64 -2.02 -6.69
N PHE B 115 -21.37 -1.46 -5.73
CA PHE B 115 -21.70 -0.05 -5.71
C PHE B 115 -20.90 0.63 -4.63
N PHE B 116 -20.24 1.74 -4.97
CA PHE B 116 -19.45 2.48 -4.01
C PHE B 116 -20.15 3.76 -3.60
N VAL B 117 -20.10 4.07 -2.30
CA VAL B 117 -20.68 5.32 -1.85
C VAL B 117 -19.71 5.99 -0.88
N ALA B 118 -19.48 7.28 -1.09
CA ALA B 118 -18.57 8.02 -0.22
C ALA B 118 -19.26 8.34 1.09
N THR B 119 -18.56 8.10 2.20
CA THR B 119 -19.13 8.49 3.46
C THR B 119 -19.11 10.02 3.59
N ALA B 120 -19.92 10.53 4.51
CA ALA B 120 -20.04 11.97 4.73
C ALA B 120 -18.68 12.56 5.11
N PRO B 121 -18.45 13.82 4.72
CA PRO B 121 -17.16 14.45 5.02
C PRO B 121 -16.78 14.38 6.50
N ALA B 122 -17.76 14.54 7.39
CA ALA B 122 -17.49 14.48 8.83
C ALA B 122 -16.87 13.16 9.27
N TYR B 123 -17.20 12.08 8.58
CA TYR B 123 -16.71 10.75 8.96
C TYR B 123 -15.72 10.21 7.95
N SER B 124 -15.15 11.08 7.12
CA SER B 124 -14.32 10.65 6.01
C SER B 124 -12.89 10.32 6.39
N PHE B 125 -12.45 10.73 7.57
CA PHE B 125 -11.05 10.49 7.94
C PHE B 125 -10.93 9.46 9.07
N VAL B 126 -12.04 8.95 9.58
CA VAL B 126 -11.96 7.88 10.57
C VAL B 126 -11.80 6.54 9.84
N SER B 127 -11.04 5.64 10.44
CA SER B 127 -11.04 4.24 10.03
C SER B 127 -10.95 3.44 11.31
N SER B 128 -11.28 2.15 11.24
CA SER B 128 -11.20 1.30 12.43
C SER B 128 -9.79 1.31 12.98
N SER B 129 -8.82 1.13 12.10
CA SER B 129 -7.42 1.07 12.50
C SER B 129 -6.90 2.38 13.09
N LEU B 130 -7.21 3.50 12.44
CA LEU B 130 -6.72 4.77 12.95
C LEU B 130 -7.43 5.18 14.24
N ALA B 131 -8.70 4.84 14.38
CA ALA B 131 -9.41 5.13 15.62
C ALA B 131 -8.77 4.36 16.78
N LYS B 132 -8.47 3.09 16.56
CA LYS B 132 -7.84 2.27 17.60
C LYS B 132 -6.48 2.86 17.98
N GLU B 133 -5.71 3.26 16.97
CA GLU B 133 -4.35 3.77 17.21
C GLU B 133 -4.41 5.06 18.02
N VAL B 134 -5.26 5.99 17.60
CA VAL B 134 -5.42 7.24 18.33
C VAL B 134 -5.91 7.00 19.76
N ALA B 135 -6.91 6.15 19.93
CA ALA B 135 -7.45 5.86 21.25
C ALA B 135 -6.39 5.24 22.16
N THR B 136 -5.62 4.30 21.61
CA THR B 136 -4.55 3.64 22.35
C THR B 136 -3.63 4.65 23.05
N TYR B 137 -3.33 5.74 22.37
CA TYR B 137 -2.42 6.75 22.93
C TYR B 137 -3.15 7.94 23.52
N GLY B 138 -4.44 7.76 23.82
CA GLY B 138 -5.19 8.73 24.59
C GLY B 138 -5.88 9.84 23.82
N GLY B 139 -5.93 9.73 22.50
CA GLY B 139 -6.65 10.71 21.69
C GLY B 139 -8.14 10.49 21.77
N ASP B 140 -8.91 11.56 21.62
CA ASP B 140 -10.36 11.50 21.76
C ASP B 140 -11.06 11.32 20.41
N VAL B 141 -11.53 10.11 20.16
CA VAL B 141 -12.22 9.78 18.90
C VAL B 141 -13.72 9.58 19.13
N SER B 142 -14.24 10.10 20.23
CA SER B 142 -15.65 9.87 20.57
C SER B 142 -16.64 10.44 19.57
N ALA B 143 -16.24 11.46 18.82
CA ALA B 143 -17.13 12.08 17.84
C ALA B 143 -17.20 11.27 16.53
N LEU B 144 -16.37 10.24 16.45
CA LEU B 144 -16.21 9.51 15.20
C LEU B 144 -16.74 8.08 15.30
N LEU B 145 -17.20 7.71 16.50
CA LEU B 145 -17.69 6.37 16.78
C LEU B 145 -19.07 6.42 17.44
N PRO B 146 -19.89 5.39 17.22
CA PRO B 146 -21.13 5.26 18.01
C PRO B 146 -20.81 5.25 19.51
N ALA B 147 -21.71 5.80 20.32
CA ALA B 147 -21.47 5.96 21.75
C ALA B 147 -21.13 4.63 22.43
N SER B 148 -21.86 3.59 22.08
CA SER B 148 -21.68 2.28 22.69
C SER B 148 -20.34 1.68 22.31
N VAL B 149 -19.86 2.01 21.11
CA VAL B 149 -18.57 1.53 20.65
C VAL B 149 -17.44 2.21 21.41
N HIS B 150 -17.59 3.52 21.62
CA HIS B 150 -16.55 4.27 22.31
C HIS B 150 -16.36 3.75 23.73
N GLN B 151 -17.49 3.47 24.40
CA GLN B 151 -17.45 2.90 25.75
C GLN B 151 -16.69 1.58 25.78
N ARG B 152 -17.04 0.67 24.87
CA ARG B 152 -16.37 -0.63 24.79
C ARG B 152 -14.88 -0.51 24.47
N LEU B 153 -14.52 0.44 23.62
CA LEU B 153 -13.14 0.63 23.21
C LEU B 153 -12.26 1.00 24.40
N LEU B 154 -12.75 1.95 25.20
CA LEU B 154 -12.05 2.33 26.43
C LEU B 154 -11.83 1.13 27.33
N GLY B 155 -12.82 0.25 27.39
CA GLY B 155 -12.73 -0.97 28.18
C GLY B 155 -11.60 -1.89 27.73
N LYS B 156 -11.53 -2.16 26.44
CA LYS B 156 -10.47 -3.01 25.90
C LYS B 156 -9.08 -2.47 26.18
N LEU B 157 -8.97 -1.14 26.22
CA LEU B 157 -7.67 -0.49 26.39
C LEU B 157 -7.27 -0.38 27.86
N ARG B 158 -8.24 -0.18 28.75
CA ARG B 158 -7.98 -0.02 30.17
C ARG B 158 -8.08 -1.34 30.91
N MET C 2 7.06 33.96 17.01
CA MET C 2 6.99 32.71 17.77
C MET C 2 6.42 31.58 16.93
N THR C 3 6.72 31.57 15.63
CA THR C 3 6.19 30.53 14.75
C THR C 3 7.05 29.29 14.83
N GLY C 4 6.47 28.14 14.50
CA GLY C 4 7.19 26.89 14.58
C GLY C 4 6.46 25.72 13.96
N ALA C 5 7.22 24.71 13.58
CA ALA C 5 6.63 23.50 13.00
C ALA C 5 7.45 22.27 13.38
N VAL C 6 6.80 21.12 13.39
CA VAL C 6 7.46 19.85 13.63
C VAL C 6 7.56 19.05 12.32
N CYS C 7 8.75 18.53 12.03
CA CYS C 7 8.96 17.65 10.87
C CYS C 7 9.18 16.22 11.36
N PRO C 8 8.15 15.37 11.25
CA PRO C 8 8.18 14.02 11.82
C PRO C 8 8.52 12.94 10.79
N GLY C 9 9.16 11.87 11.27
CA GLY C 9 9.49 10.76 10.41
C GLY C 9 10.31 9.73 11.17
N SER C 10 10.63 8.62 10.52
CA SER C 10 11.47 7.63 11.15
C SER C 10 12.94 7.88 10.79
N PHE C 11 13.16 8.48 9.62
CA PHE C 11 14.50 8.92 9.17
C PHE C 11 15.58 7.86 9.38
N ASP C 12 15.42 6.71 8.74
CA ASP C 12 16.28 5.56 8.96
C ASP C 12 16.94 5.06 7.68
N PRO C 13 17.90 5.82 7.14
CA PRO C 13 18.44 7.09 7.64
C PRO C 13 17.81 8.30 6.98
N VAL C 14 18.17 9.48 7.46
CA VAL C 14 17.81 10.73 6.82
C VAL C 14 18.41 10.82 5.40
N THR C 15 17.61 11.30 4.45
CA THR C 15 18.04 11.45 3.06
C THR C 15 18.14 12.91 2.69
N LEU C 16 18.66 13.20 1.49
CA LEU C 16 18.68 14.57 1.01
C LEU C 16 17.26 15.06 0.74
N GLY C 17 16.36 14.12 0.51
CA GLY C 17 14.95 14.47 0.35
C GLY C 17 14.39 15.07 1.64
N HIS C 18 14.70 14.41 2.75
CA HIS C 18 14.30 14.93 4.07
C HIS C 18 14.98 16.26 4.35
N LEU C 19 16.29 16.33 4.07
CA LEU C 19 17.06 17.52 4.40
C LEU C 19 16.55 18.75 3.64
N ASP C 20 16.17 18.56 2.38
CA ASP C 20 15.62 19.63 1.57
C ASP C 20 14.38 20.22 2.26
N VAL C 21 13.51 19.36 2.75
CA VAL C 21 12.31 19.82 3.43
C VAL C 21 12.63 20.46 4.79
N PHE C 22 13.58 19.89 5.54
CA PHE C 22 14.05 20.51 6.79
C PHE C 22 14.49 21.94 6.54
N GLU C 23 15.27 22.14 5.47
CA GLU C 23 15.82 23.44 5.14
C GLU C 23 14.71 24.43 4.80
N ARG C 24 13.70 23.98 4.05
CA ARG C 24 12.59 24.86 3.70
C ARG C 24 11.78 25.23 4.94
N ALA C 25 11.49 24.25 5.78
CA ALA C 25 10.77 24.51 7.03
C ALA C 25 11.56 25.53 7.87
N ALA C 26 12.87 25.32 8.00
CA ALA C 26 13.71 26.22 8.80
C ALA C 26 13.76 27.64 8.23
N ALA C 27 13.60 27.75 6.91
CA ALA C 27 13.58 29.05 6.24
C ALA C 27 12.26 29.79 6.40
N GLN C 28 11.20 29.08 6.75
CA GLN C 28 9.86 29.68 6.74
C GLN C 28 9.18 29.73 8.11
N PHE C 29 9.78 29.06 9.09
CA PHE C 29 9.28 29.07 10.47
C PHE C 29 10.39 29.48 11.42
N ASP C 30 10.07 30.18 12.51
CA ASP C 30 11.11 30.61 13.46
C ASP C 30 11.83 29.44 14.10
N GLU C 31 11.09 28.38 14.38
CA GLU C 31 11.57 27.25 15.17
C GLU C 31 11.15 25.95 14.49
N VAL C 32 12.08 25.02 14.29
CA VAL C 32 11.73 23.73 13.73
C VAL C 32 12.24 22.60 14.62
N ILE C 33 11.39 21.60 14.85
CA ILE C 33 11.79 20.41 15.56
C ILE C 33 11.62 19.19 14.66
N VAL C 34 12.73 18.50 14.41
CA VAL C 34 12.66 17.23 13.72
C VAL C 34 12.33 16.16 14.73
N ALA C 35 11.21 15.49 14.54
CA ALA C 35 10.76 14.47 15.46
C ALA C 35 11.10 13.09 14.92
N VAL C 36 11.99 12.39 15.60
CA VAL C 36 12.38 11.06 15.20
C VAL C 36 11.49 10.05 15.91
N LEU C 37 10.54 9.49 15.17
CA LEU C 37 9.49 8.68 15.75
C LEU C 37 9.88 7.22 15.77
N ILE C 38 9.71 6.60 16.93
CA ILE C 38 10.22 5.24 17.14
C ILE C 38 9.10 4.26 17.52
N ALA C 43 12.04 -1.51 14.53
CA ALA C 43 13.10 -2.45 14.18
C ALA C 43 13.74 -2.09 12.84
N GLY C 44 14.50 -0.99 12.83
CA GLY C 44 15.13 -0.52 11.62
C GLY C 44 16.63 -0.80 11.58
N MET C 45 17.34 -0.02 10.75
CA MET C 45 18.77 -0.20 10.58
C MET C 45 19.57 0.57 11.62
N PHE C 46 19.24 1.83 11.82
CA PHE C 46 19.95 2.66 12.79
C PHE C 46 19.15 2.81 14.08
N THR C 47 19.87 2.93 15.19
CA THR C 47 19.23 3.23 16.48
C THR C 47 18.73 4.66 16.48
N VAL C 48 17.86 4.98 17.42
CA VAL C 48 17.31 6.32 17.51
C VAL C 48 18.42 7.36 17.67
N ASP C 49 19.36 7.09 18.57
CA ASP C 49 20.47 8.01 18.80
C ASP C 49 21.30 8.19 17.53
N GLU C 50 21.49 7.11 16.79
CA GLU C 50 22.25 7.19 15.54
C GLU C 50 21.52 8.06 14.51
N ARG C 51 20.21 7.87 14.41
CA ARG C 51 19.41 8.66 13.48
C ARG C 51 19.45 10.13 13.84
N ILE C 52 19.32 10.40 15.14
CA ILE C 52 19.40 11.76 15.64
C ILE C 52 20.75 12.39 15.32
N GLU C 53 21.84 11.66 15.62
CA GLU C 53 23.18 12.14 15.32
C GLU C 53 23.34 12.49 13.84
N MET C 54 22.89 11.60 12.96
CA MET C 54 23.01 11.82 11.52
C MET C 54 22.24 13.05 11.06
N ILE C 55 21.09 13.31 11.67
CA ILE C 55 20.32 14.50 11.32
C ILE C 55 20.99 15.77 11.84
N ARG C 56 21.45 15.73 13.09
CA ARG C 56 22.17 16.87 13.66
C ARG C 56 23.39 17.22 12.81
N GLU C 57 24.17 16.21 12.42
CA GLU C 57 25.35 16.42 11.59
C GLU C 57 25.00 17.07 10.26
N SER C 58 23.85 16.69 9.71
CA SER C 58 23.44 17.19 8.40
C SER C 58 22.76 18.56 8.47
N THR C 59 22.33 18.97 9.67
CA THR C 59 21.61 20.23 9.83
C THR C 59 22.38 21.28 10.64
N ALA C 60 23.70 21.10 10.76
CA ALA C 60 24.52 22.00 11.56
C ALA C 60 24.41 23.46 11.13
N ASP C 61 24.10 23.68 9.86
CA ASP C 61 23.95 25.03 9.31
C ASP C 61 22.57 25.62 9.55
N LEU C 62 21.71 24.89 10.27
CA LEU C 62 20.36 25.39 10.55
C LEU C 62 20.22 25.69 12.04
N PRO C 63 20.47 26.95 12.42
CA PRO C 63 20.53 27.39 13.82
C PRO C 63 19.20 27.27 14.56
N ASN C 64 18.09 27.36 13.82
CA ASN C 64 16.76 27.33 14.44
C ASN C 64 16.10 25.96 14.36
N LEU C 65 16.89 24.93 14.07
CA LEU C 65 16.39 23.56 14.00
C LEU C 65 17.01 22.69 15.08
N ARG C 66 16.19 21.93 15.78
CA ARG C 66 16.69 20.92 16.70
C ARG C 66 16.05 19.56 16.44
N VAL C 67 16.65 18.53 17.03
CA VAL C 67 16.26 17.15 16.77
C VAL C 67 15.98 16.43 18.08
N GLU C 68 14.83 15.77 18.14
CA GLU C 68 14.42 15.03 19.33
C GLU C 68 13.70 13.75 18.96
N SER C 69 13.81 12.73 19.80
CA SER C 69 13.05 11.51 19.59
C SER C 69 11.64 11.67 20.14
N GLY C 70 10.72 10.88 19.62
CA GLY C 70 9.34 10.97 20.06
C GLY C 70 8.66 9.62 20.12
N GLN C 71 7.66 9.52 20.99
CA GLN C 71 6.82 8.33 21.11
C GLN C 71 5.38 8.76 21.34
N GLY C 72 4.44 7.86 21.06
CA GLY C 72 3.03 8.17 21.28
C GLY C 72 2.45 9.04 20.18
N LEU C 73 1.35 9.72 20.49
CA LEU C 73 0.68 10.57 19.51
C LEU C 73 1.56 11.71 19.02
N LEU C 74 1.70 11.83 17.71
CA LEU C 74 2.45 12.93 17.15
C LEU C 74 1.90 14.29 17.60
N VAL C 75 0.58 14.42 17.68
CA VAL C 75 0.02 15.72 18.02
C VAL C 75 0.38 16.10 19.46
N ASP C 76 0.60 15.11 20.31
CA ASP C 76 1.03 15.39 21.68
C ASP C 76 2.47 15.90 21.67
N PHE C 77 3.32 15.29 20.86
CA PHE C 77 4.68 15.77 20.68
C PHE C 77 4.69 17.25 20.29
N VAL C 78 3.86 17.58 19.30
CA VAL C 78 3.78 18.94 18.79
C VAL C 78 3.26 19.90 19.85
N ARG C 79 2.10 19.58 20.43
CA ARG C 79 1.43 20.46 21.39
C ARG C 79 2.24 20.66 22.70
N GLU C 80 2.90 19.61 23.16
CA GLU C 80 3.70 19.70 24.40
C GLU C 80 4.93 20.59 24.23
N ARG C 81 5.20 21.01 23.00
CA ARG C 81 6.27 21.95 22.73
C ARG C 81 5.76 23.32 22.33
N GLY C 82 4.47 23.56 22.57
CA GLY C 82 3.85 24.85 22.37
C GLY C 82 3.52 25.17 20.91
N LEU C 83 3.59 24.15 20.06
CA LEU C 83 3.35 24.34 18.64
C LEU C 83 2.06 23.67 18.21
N ASN C 84 1.60 23.98 17.00
CA ASN C 84 0.49 23.23 16.41
C ASN C 84 0.55 23.23 14.88
N ALA C 85 1.75 23.01 14.34
CA ALA C 85 1.94 22.82 12.91
C ALA C 85 2.92 21.67 12.67
N ILE C 86 2.59 20.87 11.67
CA ILE C 86 3.45 19.81 11.17
C ILE C 86 3.84 20.18 9.75
N VAL C 87 5.11 19.99 9.39
CA VAL C 87 5.52 20.14 8.00
C VAL C 87 5.97 18.75 7.52
N LYS C 88 5.33 18.26 6.48
CA LYS C 88 5.58 16.91 5.95
C LYS C 88 5.99 16.99 4.48
N GLY C 89 7.04 16.27 4.11
CA GLY C 89 7.48 16.28 2.72
C GLY C 89 6.70 15.28 1.85
N LEU C 90 6.65 15.57 0.55
CA LEU C 90 6.05 14.69 -0.44
C LEU C 90 7.14 14.24 -1.40
N ARG C 91 7.17 12.94 -1.69
CA ARG C 91 8.09 12.42 -2.68
C ARG C 91 7.35 11.44 -3.59
N THR C 92 8.02 10.96 -4.62
CA THR C 92 7.43 9.95 -5.47
C THR C 92 7.27 8.67 -4.66
N GLY C 93 6.04 8.21 -4.53
CA GLY C 93 5.77 7.03 -3.72
C GLY C 93 5.18 7.32 -2.36
N THR C 94 5.07 8.60 -2.02
CA THR C 94 4.35 8.99 -0.81
C THR C 94 2.91 8.51 -0.93
N ASP C 95 2.40 7.93 0.14
CA ASP C 95 0.98 7.57 0.20
C ASP C 95 0.23 8.80 0.63
N PHE C 96 -0.14 9.64 -0.33
CA PHE C 96 -0.68 10.96 0.00
C PHE C 96 -2.09 10.84 0.57
N GLU C 97 -2.85 9.86 0.12
CA GLU C 97 -4.21 9.68 0.64
C GLU C 97 -4.16 9.34 2.13
N TYR C 98 -3.18 8.54 2.53
CA TYR C 98 -3.05 8.24 3.95
C TYR C 98 -2.55 9.47 4.71
N GLU C 99 -1.62 10.23 4.12
CA GLU C 99 -1.16 11.47 4.75
C GLU C 99 -2.34 12.42 4.98
N LEU C 100 -3.23 12.52 4.00
CA LEU C 100 -4.39 13.39 4.13
CA LEU C 100 -4.42 13.36 4.11
C LEU C 100 -5.32 12.88 5.24
N GLN C 101 -5.51 11.57 5.31
CA GLN C 101 -6.35 11.02 6.38
C GLN C 101 -5.78 11.41 7.75
N MET C 102 -4.47 11.20 7.93
CA MET C 102 -3.84 11.54 9.19
C MET C 102 -3.89 13.03 9.49
N ALA C 103 -3.75 13.85 8.44
CA ALA C 103 -3.79 15.28 8.62
C ALA C 103 -5.16 15.71 9.11
N GLN C 104 -6.22 15.15 8.54
CA GLN C 104 -7.57 15.54 8.98
C GLN C 104 -7.83 15.04 10.39
N MET C 105 -7.35 13.84 10.70
CA MET C 105 -7.50 13.26 12.03
C MET C 105 -6.75 14.11 13.05
N ASN C 106 -5.53 14.51 12.70
CA ASN C 106 -4.71 15.28 13.63
C ASN C 106 -5.29 16.66 13.90
N LYS C 107 -5.89 17.28 12.89
CA LYS C 107 -6.58 18.54 13.06
C LYS C 107 -7.77 18.36 13.98
N HIS C 108 -8.48 17.25 13.79
CA HIS C 108 -9.70 16.99 14.56
C HIS C 108 -9.43 16.80 16.04
N ILE C 109 -8.41 16.01 16.36
CA ILE C 109 -8.20 15.62 17.76
C ILE C 109 -7.37 16.62 18.55
N ALA C 110 -6.64 17.51 17.87
CA ALA C 110 -5.74 18.42 18.59
C ALA C 110 -5.55 19.80 17.98
N GLY C 111 -6.28 20.11 16.90
CA GLY C 111 -6.19 21.41 16.27
C GLY C 111 -4.84 21.71 15.63
N VAL C 112 -4.08 20.66 15.32
CA VAL C 112 -2.78 20.81 14.66
C VAL C 112 -2.92 20.81 13.15
N ASP C 113 -2.32 21.80 12.49
CA ASP C 113 -2.34 21.89 11.02
C ASP C 113 -1.19 21.09 10.43
N THR C 114 -1.40 20.56 9.24
CA THR C 114 -0.31 19.90 8.50
C THR C 114 -0.07 20.60 7.16
N PHE C 115 1.17 21.00 6.92
CA PHE C 115 1.54 21.65 5.68
C PHE C 115 2.40 20.69 4.90
N PHE C 116 2.03 20.43 3.65
CA PHE C 116 2.80 19.51 2.80
C PHE C 116 3.65 20.27 1.81
N VAL C 117 4.89 19.82 1.60
CA VAL C 117 5.73 20.48 0.62
C VAL C 117 6.47 19.39 -0.17
N ALA C 118 6.47 19.52 -1.49
CA ALA C 118 7.17 18.54 -2.31
C ALA C 118 8.68 18.76 -2.25
N THR C 119 9.41 17.67 -2.10
CA THR C 119 10.87 17.70 -2.14
CA THR C 119 10.86 17.78 -2.13
C THR C 119 11.34 18.07 -3.55
N ALA C 120 12.57 18.56 -3.68
CA ALA C 120 13.13 18.89 -4.99
C ALA C 120 13.12 17.68 -5.92
N PRO C 121 12.91 17.92 -7.23
CA PRO C 121 12.88 16.81 -8.19
C PRO C 121 14.09 15.89 -8.05
N ALA C 122 15.28 16.47 -7.83
CA ALA C 122 16.49 15.64 -7.72
C ALA C 122 16.42 14.61 -6.59
N TYR C 123 15.65 14.91 -5.55
CA TYR C 123 15.60 14.03 -4.38
C TYR C 123 14.23 13.38 -4.26
N SER C 124 13.46 13.43 -5.34
CA SER C 124 12.06 12.99 -5.29
C SER C 124 11.88 11.48 -5.35
N PHE C 125 12.90 10.73 -5.76
CA PHE C 125 12.72 9.29 -5.88
C PHE C 125 13.51 8.50 -4.82
N VAL C 126 14.22 9.20 -3.94
CA VAL C 126 14.86 8.51 -2.84
C VAL C 126 13.86 8.39 -1.70
N SER C 127 13.96 7.27 -0.98
CA SER C 127 13.30 7.09 0.30
C SER C 127 14.30 6.36 1.16
N SER C 128 14.13 6.41 2.48
CA SER C 128 15.02 5.67 3.37
C SER C 128 15.06 4.19 2.98
N SER C 129 13.89 3.62 2.75
CA SER C 129 13.77 2.20 2.45
C SER C 129 14.43 1.81 1.13
N LEU C 130 14.14 2.59 0.08
CA LEU C 130 14.73 2.27 -1.22
C LEU C 130 16.24 2.51 -1.24
N ALA C 131 16.71 3.53 -0.52
CA ALA C 131 18.14 3.78 -0.43
C ALA C 131 18.86 2.61 0.25
N LYS C 132 18.28 2.10 1.33
CA LYS C 132 18.88 0.94 2.01
C LYS C 132 18.90 -0.28 1.12
N GLU C 133 17.77 -0.55 0.45
CA GLU C 133 17.66 -1.69 -0.45
C GLU C 133 18.69 -1.64 -1.58
N VAL C 134 18.77 -0.51 -2.25
CA VAL C 134 19.71 -0.36 -3.35
C VAL C 134 21.16 -0.51 -2.86
N ALA C 135 21.48 0.14 -1.75
CA ALA C 135 22.83 0.10 -1.19
C ALA C 135 23.21 -1.31 -0.76
N THR C 136 22.25 -2.04 -0.23
CA THR C 136 22.46 -3.41 0.22
C THR C 136 22.97 -4.29 -0.93
N TYR C 137 22.46 -4.04 -2.13
CA TYR C 137 22.85 -4.83 -3.30
C TYR C 137 23.92 -4.16 -4.13
N GLY C 138 24.59 -3.18 -3.55
CA GLY C 138 25.76 -2.57 -4.19
C GLY C 138 25.52 -1.35 -5.04
N GLY C 139 24.29 -0.87 -5.13
CA GLY C 139 24.02 0.31 -5.93
C GLY C 139 24.51 1.59 -5.27
N ASP C 140 24.88 2.57 -6.09
CA ASP C 140 25.46 3.82 -5.61
C ASP C 140 24.40 4.86 -5.31
N VAL C 141 24.14 5.09 -4.03
CA VAL C 141 23.18 6.10 -3.59
C VAL C 141 23.85 7.32 -2.97
N SER C 142 25.14 7.52 -3.27
CA SER C 142 25.92 8.57 -2.61
C SER C 142 25.42 9.97 -3.00
N ALA C 143 24.77 10.09 -4.15
CA ALA C 143 24.25 11.39 -4.58
C ALA C 143 22.95 11.75 -3.88
N LEU C 144 22.42 10.82 -3.10
CA LEU C 144 21.05 10.93 -2.57
C LEU C 144 21.00 11.07 -1.05
N LEU C 145 22.17 10.99 -0.42
CA LEU C 145 22.28 11.03 1.04
C LEU C 145 23.35 12.03 1.46
N PRO C 146 23.22 12.59 2.66
CA PRO C 146 24.30 13.44 3.16
C PRO C 146 25.61 12.64 3.25
N ALA C 147 26.74 13.27 2.95
CA ALA C 147 28.04 12.59 2.90
C ALA C 147 28.28 11.75 4.14
N SER C 148 27.91 12.30 5.29
CA SER C 148 28.10 11.61 6.56
C SER C 148 27.29 10.33 6.63
N VAL C 149 25.98 10.45 6.39
CA VAL C 149 25.07 9.32 6.32
C VAL C 149 25.58 8.21 5.41
N HIS C 150 26.02 8.58 4.21
CA HIS C 150 26.44 7.57 3.23
C HIS C 150 27.56 6.70 3.79
N GLN C 151 28.58 7.33 4.37
CA GLN C 151 29.66 6.57 4.97
C GLN C 151 29.16 5.67 6.10
N ARG C 152 28.24 6.20 6.90
CA ARG C 152 27.67 5.47 8.01
C ARG C 152 26.91 4.23 7.54
N LEU C 153 26.17 4.40 6.44
CA LEU C 153 25.41 3.30 5.84
C LEU C 153 26.34 2.19 5.35
N LEU C 154 27.39 2.58 4.65
CA LEU C 154 28.36 1.62 4.16
C LEU C 154 28.91 0.80 5.33
N GLY C 155 29.16 1.48 6.45
CA GLY C 155 29.62 0.83 7.66
C GLY C 155 28.67 -0.25 8.17
N LYS C 156 27.39 0.08 8.25
CA LYS C 156 26.38 -0.88 8.74
C LYS C 156 26.30 -2.10 7.83
N LEU C 157 26.52 -1.90 6.54
CA LEU C 157 26.45 -2.99 5.57
C LEU C 157 27.70 -3.84 5.64
N ARG C 158 28.87 -3.21 5.48
CA ARG C 158 30.15 -3.92 5.52
C ARG C 158 30.62 -4.14 6.95
C10 9F8 D . 4.40 -7.30 -12.39
C15 9F8 D . 0.67 -6.80 -15.69
C01 9F8 D . 2.39 -7.01 -13.76
C02 9F8 D . 2.06 -6.99 -15.11
C03 9F8 D . 3.29 -7.21 -15.82
C04 9F8 D . 4.25 -7.32 -14.84
C05 9F8 D . 5.59 -7.54 -15.20
C06 9F8 D . 5.98 -7.64 -16.53
C07 9F8 D . 5.01 -7.53 -17.51
C08 9F8 D . 3.67 -7.32 -17.16
N09 9F8 D . 3.68 -7.19 -13.63
C11 9F8 D . 4.99 -8.69 -12.37
C12 9F8 D . 5.11 -9.37 -11.01
O13 9F8 D . 5.54 -8.70 -10.03
O14 9F8 D . 4.79 -10.58 -10.87
C10 9F8 E . -14.52 -1.08 4.57
C15 9F8 E . -16.50 3.53 4.96
C01 9F8 E . -15.18 1.28 4.79
C02 9F8 E . -16.35 2.04 4.77
C03 9F8 E . -17.40 1.10 4.53
C04 9F8 E . -16.79 -0.14 4.43
C05 9F8 E . -17.57 -1.28 4.18
C06 9F8 E . -18.94 -1.18 4.05
C07 9F8 E . -19.55 0.06 4.16
C08 9F8 E . -18.79 1.20 4.41
N09 9F8 E . -15.46 0.00 4.57
C11 9F8 E . -13.97 -1.12 5.99
C12 9F8 E . -13.59 -2.45 6.61
O13 9F8 E . -13.05 -3.36 5.90
O14 9F8 E . -13.77 -2.67 7.86
C10 9F8 F . 8.08 11.14 5.47
C15 9F8 F . 10.48 13.70 1.90
C01 9F8 F . 9.18 12.13 3.52
C02 9F8 F . 9.84 13.32 3.21
C03 9F8 F . 9.80 14.10 4.41
C04 9F8 F . 9.14 13.34 5.35
C05 9F8 F . 8.92 13.82 6.65
C06 9F8 F . 9.39 15.09 7.00
C07 9F8 F . 10.07 15.86 6.07
C08 9F8 F . 10.27 15.37 4.77
N09 9F8 F . 8.79 12.17 4.79
C11 9F8 F . 9.05 10.11 5.97
C12 9F8 F . 8.45 9.27 7.07
O13 9F8 F . 9.18 8.46 7.71
O14 9F8 F . 7.23 9.37 7.37
#